data_8B8X
#
_entry.id   8B8X
#
_cell.length_a   59.600
_cell.length_b   85.540
_cell.length_c   119.840
_cell.angle_alpha   90.000
_cell.angle_beta   90.000
_cell.angle_gamma   90.000
#
_symmetry.space_group_name_H-M   'P 21 21 21'
#
loop_
_entity.id
_entity.type
_entity.pdbx_description
1 polymer 'Peroxisome proliferator-activated receptor gamma'
2 polymer 'Nuclear receptor corepressor 2'
3 non-polymer '(2S)-2-{5-[(5-{[(1S)-1-(4-tert-butylphenyl)ethyl]carbamoyl}-2,3-dimethyl-1H-indol-1-yl)methyl]-2-chlorophenoxy}propanoic acid'
4 water water
#
loop_
_entity_poly.entity_id
_entity_poly.type
_entity_poly.pdbx_seq_one_letter_code
_entity_poly.pdbx_strand_id
1 'polypeptide(L)'
;GSHMQLNPESADLRALAKHLYDSYIKSFPLTKAKARAILTGKTTDKSPFVIYDMNSLMMGEDKIKFKHITPLQEQSKEVA
IRIFQGCQFRSVEAVQEITEYAKSIPGFVNLDLNDQVTLLKYGVHEIIYTMLASLMNKDGVLISEGQGFMTREFLKSLRK
PFGDFMEPKFEFAVKFNALELDDSDLAIFIAVIILSGDRPGLLNVKPIEDIQDNLLQALELQLKLNHPESSQLFAKLLQK
MTDLRQIVTEHVQLLQVIKKTETDMSLHPLLQEIYKDLY
;
A,B
2 'polypeptide(L)' HASTNMGLEAIIRKALMGKYDQW C,D
#
# COMPACT_ATOMS: atom_id res chain seq x y z
N HIS A 3 -6.78 16.76 22.34
CA HIS A 3 -7.47 16.40 23.62
C HIS A 3 -8.16 15.00 23.61
N MET A 4 -7.39 13.95 23.87
CA MET A 4 -7.94 12.60 24.02
C MET A 4 -8.56 12.52 25.42
N GLN A 5 -9.69 11.83 25.53
CA GLN A 5 -10.32 11.60 26.82
C GLN A 5 -10.62 10.15 26.96
N LEU A 6 -10.73 9.67 28.19
CA LEU A 6 -11.12 8.33 28.45
C LEU A 6 -12.66 8.38 28.65
N ASN A 7 -13.40 8.22 27.57
CA ASN A 7 -14.84 8.35 27.65
C ASN A 7 -15.42 7.02 27.26
N PRO A 8 -16.76 6.91 27.21
CA PRO A 8 -17.36 5.65 26.80
C PRO A 8 -16.92 5.11 25.44
N GLU A 9 -16.83 5.97 24.43
CA GLU A 9 -16.45 5.51 23.10
C GLU A 9 -14.99 4.89 23.16
N SER A 10 -14.13 5.54 23.89
CA SER A 10 -12.71 5.10 23.96
C SER A 10 -12.61 3.79 24.72
N ALA A 11 -13.32 3.69 25.85
CA ALA A 11 -13.42 2.38 26.51
C ALA A 11 -13.98 1.29 25.71
N ASP A 12 -14.96 1.52 24.80
CA ASP A 12 -15.44 0.46 23.96
C ASP A 12 -14.33 0.03 22.94
N LEU A 13 -13.54 0.99 22.50
CA LEU A 13 -12.48 0.69 21.50
C LEU A 13 -11.39 -0.13 22.27
N ARG A 14 -11.14 0.18 23.53
CA ARG A 14 -10.22 -0.67 24.35
C ARG A 14 -10.71 -2.06 24.58
N ALA A 15 -12.06 -2.18 24.80
CA ALA A 15 -12.65 -3.53 24.92
C ALA A 15 -12.56 -4.32 23.66
N LEU A 16 -12.77 -3.63 22.50
CA LEU A 16 -12.63 -4.23 21.21
C LEU A 16 -11.15 -4.74 21.03
N ALA A 17 -10.20 -3.90 21.36
CA ALA A 17 -8.78 -4.28 21.28
C ALA A 17 -8.46 -5.50 22.16
N LYS A 18 -9.02 -5.57 23.36
CA LYS A 18 -8.76 -6.72 24.26
C LYS A 18 -9.36 -8.01 23.74
N HIS A 19 -10.58 -7.92 23.21
CA HIS A 19 -11.29 -9.00 22.58
C HIS A 19 -10.47 -9.61 21.46
N LEU A 20 -9.96 -8.73 20.59
CA LEU A 20 -9.09 -9.14 19.52
C LEU A 20 -7.80 -9.79 20.01
N TYR A 21 -7.14 -9.14 20.97
CA TYR A 21 -5.98 -9.70 21.58
C TYR A 21 -6.27 -11.14 22.10
N ASP A 22 -7.33 -11.26 22.87
CA ASP A 22 -7.62 -12.63 23.45
C ASP A 22 -7.81 -13.68 22.42
N SER A 23 -8.50 -13.32 21.32
CA SER A 23 -8.76 -14.19 20.23
C SER A 23 -7.53 -14.51 19.43
N TYR A 24 -6.69 -13.49 19.23
CA TYR A 24 -5.38 -13.68 18.56
C TYR A 24 -4.51 -14.70 19.37
N ILE A 25 -4.43 -14.56 20.69
CA ILE A 25 -3.71 -15.51 21.57
C ILE A 25 -4.24 -16.95 21.42
N LYS A 26 -5.53 -17.08 21.30
CA LYS A 26 -6.16 -18.39 21.14
C LYS A 26 -5.87 -18.98 19.79
N SER A 27 -5.91 -18.17 18.75
CA SER A 27 -5.79 -18.67 17.45
C SER A 27 -4.38 -18.95 16.99
N PHE A 28 -3.40 -18.24 17.57
CA PHE A 28 -2.02 -18.30 17.12
C PHE A 28 -1.14 -18.72 18.28
N PRO A 29 -0.84 -20.02 18.34
CA PRO A 29 -0.09 -20.51 19.55
C PRO A 29 1.31 -19.81 19.83
N LEU A 30 2.05 -19.56 18.77
CA LEU A 30 3.35 -18.92 18.93
C LEU A 30 3.18 -17.41 18.71
N THR A 31 3.08 -16.69 19.80
CA THR A 31 2.85 -15.24 19.82
C THR A 31 4.19 -14.50 19.50
N LYS A 32 4.11 -13.22 19.11
CA LYS A 32 5.34 -12.41 19.11
C LYS A 32 6.10 -12.35 20.43
N ALA A 33 5.43 -12.20 21.59
CA ALA A 33 6.12 -12.16 22.85
C ALA A 33 6.96 -13.45 23.07
N LYS A 34 6.37 -14.56 22.78
CA LYS A 34 6.99 -15.90 23.03
C LYS A 34 8.17 -16.06 22.00
N ALA A 35 7.94 -15.65 20.76
CA ALA A 35 9.01 -15.68 19.71
C ALA A 35 10.18 -14.77 20.08
N ARG A 36 9.97 -13.55 20.55
CA ARG A 36 11.04 -12.62 20.89
C ARG A 36 11.83 -13.14 22.07
N ALA A 37 11.14 -13.76 23.04
CA ALA A 37 11.84 -14.36 24.20
C ALA A 37 12.83 -15.46 23.75
N ILE A 38 12.42 -16.29 22.79
CA ILE A 38 13.30 -17.33 22.24
C ILE A 38 14.46 -16.67 21.53
N LEU A 39 14.12 -15.78 20.61
CA LEU A 39 15.20 -15.15 19.77
C LEU A 39 16.24 -14.35 20.54
N THR A 40 15.88 -13.77 21.69
CA THR A 40 16.76 -13.01 22.52
C THR A 40 17.37 -13.77 23.71
N GLY A 41 17.10 -15.06 23.80
CA GLY A 41 17.66 -15.90 24.82
C GLY A 41 17.17 -15.49 26.20
N LYS A 42 15.92 -14.98 26.24
CA LYS A 42 15.32 -14.58 27.55
C LYS A 42 14.10 -15.47 27.84
N THR A 43 14.20 -16.74 27.53
CA THR A 43 13.14 -17.69 27.85
C THR A 43 13.77 -18.82 28.64
N THR A 44 12.97 -19.46 29.51
CA THR A 44 13.36 -20.76 30.11
C THR A 44 12.95 -21.93 29.24
N ASP A 45 12.25 -21.69 28.14
CA ASP A 45 11.85 -22.79 27.26
C ASP A 45 13.07 -23.37 26.51
N LYS A 46 12.85 -24.46 25.75
CA LYS A 46 13.92 -25.19 25.06
C LYS A 46 14.56 -24.30 23.98
N SER A 47 15.89 -24.27 23.98
CA SER A 47 16.65 -23.52 23.01
C SER A 47 16.55 -24.19 21.62
N PRO A 48 16.19 -23.41 20.60
CA PRO A 48 16.01 -24.11 19.36
C PRO A 48 17.34 -24.57 18.71
N PHE A 49 17.26 -25.64 17.96
CA PHE A 49 18.37 -26.13 17.08
C PHE A 49 18.57 -25.14 15.93
N VAL A 50 19.80 -24.81 15.54
CA VAL A 50 20.06 -23.85 14.49
C VAL A 50 20.55 -24.58 13.23
N ILE A 51 19.88 -24.31 12.10
CA ILE A 51 20.29 -24.77 10.80
C ILE A 51 20.97 -23.58 10.12
N TYR A 52 22.31 -23.68 9.97
CA TYR A 52 23.13 -22.64 9.41
C TYR A 52 23.99 -23.07 8.19
N ASP A 53 23.93 -24.34 7.86
CA ASP A 53 24.67 -24.89 6.72
C ASP A 53 24.02 -26.25 6.40
N MET A 54 24.54 -26.92 5.39
CA MET A 54 23.88 -28.22 5.00
C MET A 54 24.05 -29.31 5.99
N ASN A 55 25.20 -29.35 6.68
CA ASN A 55 25.43 -30.39 7.67
CA ASN A 55 25.46 -30.39 7.69
C ASN A 55 24.45 -30.24 8.82
N SER A 56 24.18 -29.00 9.24
CA SER A 56 23.23 -28.80 10.34
C SER A 56 21.77 -29.03 9.94
N LEU A 57 21.38 -28.71 8.69
CA LEU A 57 20.09 -29.08 8.11
C LEU A 57 19.87 -30.60 8.26
N MET A 58 20.89 -31.36 7.98
CA MET A 58 20.71 -32.86 7.90
C MET A 58 20.50 -33.36 9.31
N MET A 59 21.36 -32.91 10.21
CA MET A 59 21.19 -33.20 11.64
C MET A 59 19.80 -32.77 12.19
N GLY A 60 19.37 -31.60 11.79
CA GLY A 60 18.11 -31.03 12.20
C GLY A 60 16.92 -31.84 11.75
N GLU A 61 16.88 -32.19 10.46
CA GLU A 61 15.82 -33.05 9.90
C GLU A 61 15.85 -34.44 10.53
N ASP A 62 17.06 -34.99 10.68
CA ASP A 62 17.27 -36.30 11.27
C ASP A 62 16.93 -36.21 12.78
N LYS A 63 17.91 -35.92 13.61
CA LYS A 63 17.77 -36.06 15.06
C LYS A 63 16.56 -35.32 15.61
N ILE A 64 16.33 -34.06 15.19
CA ILE A 64 15.28 -33.21 15.81
C ILE A 64 13.90 -33.44 15.20
N LYS A 65 13.85 -33.75 13.90
CA LYS A 65 12.59 -33.93 13.17
C LYS A 65 11.81 -32.60 13.11
N PHE A 66 11.80 -32.02 11.91
CA PHE A 66 11.20 -30.71 11.63
C PHE A 66 9.92 -30.89 10.78
N LYS A 67 8.90 -30.06 11.02
CA LYS A 67 7.60 -30.12 10.26
C LYS A 67 7.77 -30.22 8.70
N HIS A 68 8.86 -29.67 8.17
CA HIS A 68 9.39 -30.05 6.87
C HIS A 68 10.18 -31.37 7.05
N GLU A 74 6.75 -40.01 -0.15
CA GLU A 74 8.14 -40.03 -0.65
C GLU A 74 8.73 -38.60 -0.73
N GLN A 75 9.60 -38.24 0.22
CA GLN A 75 10.20 -36.89 0.30
C GLN A 75 11.14 -36.62 -0.90
N SER A 76 11.23 -35.34 -1.29
CA SER A 76 12.12 -34.94 -2.39
C SER A 76 13.52 -35.16 -1.90
N LYS A 77 14.39 -35.61 -2.80
CA LYS A 77 15.78 -35.75 -2.46
C LYS A 77 16.44 -34.39 -2.32
N GLU A 78 15.87 -33.30 -2.90
CA GLU A 78 16.61 -32.05 -2.75
C GLU A 78 16.10 -31.09 -1.65
N VAL A 79 17.06 -30.66 -0.86
CA VAL A 79 16.80 -29.84 0.29
C VAL A 79 15.94 -28.63 -0.05
N ALA A 80 16.25 -27.89 -1.11
CA ALA A 80 15.48 -26.71 -1.42
C ALA A 80 14.02 -26.98 -1.59
N ILE A 81 13.69 -28.10 -2.24
CA ILE A 81 12.29 -28.42 -2.45
C ILE A 81 11.59 -28.88 -1.18
N ARG A 82 12.28 -29.61 -0.28
CA ARG A 82 11.70 -30.01 0.99
C ARG A 82 11.34 -28.80 1.88
N ILE A 83 12.22 -27.81 1.84
CA ILE A 83 12.01 -26.53 2.56
C ILE A 83 10.82 -25.77 2.01
N PHE A 84 10.77 -25.58 0.71
CA PHE A 84 9.66 -24.86 0.11
C PHE A 84 8.32 -25.51 0.35
N GLN A 85 8.29 -26.83 0.22
CA GLN A 85 7.09 -27.59 0.42
C GLN A 85 6.67 -27.51 1.89
N GLY A 86 7.64 -27.59 2.80
CA GLY A 86 7.34 -27.37 4.22
C GLY A 86 6.69 -26.01 4.47
N CYS A 87 7.23 -24.95 3.85
CA CYS A 87 6.63 -23.60 3.99
C CYS A 87 5.20 -23.55 3.45
N GLN A 88 4.98 -24.24 2.35
CA GLN A 88 3.60 -24.23 1.80
C GLN A 88 2.67 -24.91 2.71
N PHE A 89 3.05 -26.09 3.20
CA PHE A 89 2.26 -26.82 4.12
C PHE A 89 1.92 -26.02 5.38
N ARG A 90 2.93 -25.38 5.95
CA ARG A 90 2.65 -24.58 7.11
C ARG A 90 1.69 -23.42 6.80
N SER A 91 1.78 -22.87 5.60
CA SER A 91 0.91 -21.76 5.22
C SER A 91 -0.53 -22.18 5.06
N VAL A 92 -0.73 -23.43 4.63
CA VAL A 92 -2.07 -24.00 4.57
C VAL A 92 -2.64 -24.08 5.96
N GLU A 93 -1.88 -24.57 6.94
CA GLU A 93 -2.30 -24.51 8.32
C GLU A 93 -2.53 -23.06 8.83
N ALA A 94 -1.70 -22.15 8.36
CA ALA A 94 -1.86 -20.74 8.76
C ALA A 94 -3.23 -20.20 8.28
N VAL A 95 -3.68 -20.62 7.11
CA VAL A 95 -5.00 -20.22 6.63
C VAL A 95 -6.10 -20.60 7.58
N GLN A 96 -6.02 -21.81 8.14
CA GLN A 96 -6.98 -22.24 9.13
C GLN A 96 -6.95 -21.41 10.42
N GLU A 97 -5.75 -21.04 10.84
CA GLU A 97 -5.60 -20.26 12.06
C GLU A 97 -6.17 -18.85 11.81
N ILE A 98 -5.83 -18.31 10.69
CA ILE A 98 -6.33 -16.95 10.32
C ILE A 98 -7.87 -16.88 10.18
N THR A 99 -8.44 -17.91 9.59
CA THR A 99 -9.92 -18.05 9.50
C THR A 99 -10.57 -18.13 10.84
N GLU A 100 -10.02 -18.92 11.78
CA GLU A 100 -10.51 -18.98 13.12
C GLU A 100 -10.47 -17.59 13.78
N TYR A 101 -9.33 -16.89 13.59
CA TYR A 101 -9.27 -15.56 14.11
C TYR A 101 -10.32 -14.61 13.50
N ALA A 102 -10.46 -14.63 12.23
CA ALA A 102 -11.49 -13.77 11.50
C ALA A 102 -12.90 -13.96 12.06
N LYS A 103 -13.24 -15.21 12.47
CA LYS A 103 -14.60 -15.48 13.07
C LYS A 103 -14.86 -14.72 14.35
N SER A 104 -13.78 -14.34 15.07
CA SER A 104 -13.92 -13.58 16.25
C SER A 104 -14.00 -12.09 16.05
N ILE A 105 -13.75 -11.58 14.84
CA ILE A 105 -13.81 -10.14 14.65
C ILE A 105 -15.30 -9.76 14.66
N PRO A 106 -15.72 -8.86 15.57
CA PRO A 106 -17.16 -8.55 15.68
C PRO A 106 -17.71 -8.07 14.37
N GLY A 107 -18.80 -8.71 13.93
CA GLY A 107 -19.36 -8.41 12.64
C GLY A 107 -18.97 -9.23 11.50
N PHE A 108 -17.79 -9.88 11.54
CA PHE A 108 -17.31 -10.59 10.41
C PHE A 108 -18.20 -11.76 9.93
N VAL A 109 -18.65 -12.57 10.89
CA VAL A 109 -19.50 -13.72 10.51
C VAL A 109 -20.94 -13.35 10.12
N ASN A 110 -21.32 -12.11 10.33
CA ASN A 110 -22.63 -11.59 9.89
C ASN A 110 -22.58 -11.04 8.45
N LEU A 111 -21.39 -11.02 7.86
CA LEU A 111 -21.25 -10.63 6.48
C LEU A 111 -21.72 -11.74 5.64
N ASP A 112 -22.04 -11.42 4.38
CA ASP A 112 -22.29 -12.44 3.36
C ASP A 112 -21.17 -13.41 3.33
N LEU A 113 -21.49 -14.71 3.43
CA LEU A 113 -20.48 -15.76 3.34
C LEU A 113 -19.54 -15.63 2.14
N ASN A 114 -20.03 -15.33 0.94
CA ASN A 114 -19.11 -15.19 -0.22
C ASN A 114 -18.08 -14.03 0.01
N ASP A 115 -18.52 -13.00 0.73
CA ASP A 115 -17.63 -11.84 1.02
C ASP A 115 -16.58 -12.26 2.13
N GLN A 116 -17.00 -13.02 3.09
CA GLN A 116 -16.06 -13.60 4.11
C GLN A 116 -15.03 -14.38 3.44
N VAL A 117 -15.46 -15.24 2.52
CA VAL A 117 -14.51 -15.99 1.75
C VAL A 117 -13.52 -15.18 0.94
N THR A 118 -14.04 -14.18 0.23
CA THR A 118 -13.21 -13.37 -0.60
C THR A 118 -12.19 -12.53 0.28
N LEU A 119 -12.69 -11.96 1.36
CA LEU A 119 -11.78 -11.23 2.30
C LEU A 119 -10.61 -12.12 2.75
N LEU A 120 -10.89 -13.38 3.09
CA LEU A 120 -9.83 -14.28 3.61
C LEU A 120 -8.93 -14.71 2.48
N LYS A 121 -9.53 -15.02 1.29
CA LYS A 121 -8.76 -15.43 0.15
C LYS A 121 -7.68 -14.41 -0.23
N TYR A 122 -8.05 -13.14 -0.24
CA TYR A 122 -7.06 -12.10 -0.62
C TYR A 122 -6.23 -11.54 0.52
N GLY A 123 -6.56 -11.86 1.76
CA GLY A 123 -5.89 -11.30 2.96
C GLY A 123 -4.89 -12.24 3.61
N VAL A 124 -5.06 -13.56 3.43
CA VAL A 124 -4.21 -14.52 4.16
C VAL A 124 -2.75 -14.37 3.77
N HIS A 125 -2.42 -14.12 2.49
CA HIS A 125 -0.99 -14.00 2.15
C HIS A 125 -0.36 -12.80 2.87
N GLU A 126 -1.11 -11.70 2.96
CA GLU A 126 -0.57 -10.47 3.66
C GLU A 126 -0.39 -10.75 5.15
N ILE A 127 -1.34 -11.47 5.76
CA ILE A 127 -1.27 -11.73 7.19
C ILE A 127 -0.15 -12.72 7.46
N ILE A 128 -0.01 -13.74 6.58
CA ILE A 128 1.17 -14.67 6.71
C ILE A 128 2.50 -13.90 6.79
N TYR A 129 2.71 -12.90 5.91
CA TYR A 129 3.94 -12.24 5.89
C TYR A 129 4.12 -11.28 7.08
N THR A 130 3.03 -10.66 7.48
CA THR A 130 3.01 -9.83 8.70
C THR A 130 3.44 -10.70 9.89
N MET A 131 2.78 -11.84 10.08
N MET A 131 2.76 -11.83 10.02
CA MET A 131 3.10 -12.65 11.27
CA MET A 131 2.99 -12.71 11.17
C MET A 131 4.42 -13.38 11.18
C MET A 131 4.35 -13.38 11.15
N LEU A 132 4.88 -13.64 9.96
CA LEU A 132 6.20 -14.19 9.82
C LEU A 132 7.28 -13.29 10.38
N ALA A 133 7.14 -11.99 10.24
CA ALA A 133 8.11 -11.06 10.80
C ALA A 133 8.31 -11.22 12.31
N SER A 134 7.25 -11.60 13.02
CA SER A 134 7.37 -11.91 14.44
C SER A 134 8.36 -13.01 14.74
N LEU A 135 8.57 -13.92 13.83
CA LEU A 135 9.45 -15.11 14.03
C LEU A 135 10.85 -14.84 13.51
N MET A 136 11.13 -13.61 13.05
CA MET A 136 12.40 -13.27 12.38
C MET A 136 13.22 -12.30 13.15
N ASN A 137 14.54 -12.45 13.03
CA ASN A 137 15.46 -11.43 13.40
C ASN A 137 16.49 -11.27 12.25
N LYS A 138 17.55 -10.44 12.46
CA LYS A 138 18.47 -10.24 11.37
C LYS A 138 19.18 -11.50 10.90
N ASP A 139 19.24 -12.50 11.76
CA ASP A 139 19.94 -13.73 11.46
C ASP A 139 19.15 -14.78 10.78
N GLY A 140 17.82 -14.77 10.89
CA GLY A 140 17.01 -15.92 10.47
C GLY A 140 15.62 -15.99 11.06
N VAL A 141 14.99 -17.17 10.94
CA VAL A 141 13.63 -17.35 11.28
C VAL A 141 13.40 -18.60 12.10
N LEU A 142 12.52 -18.49 13.09
CA LEU A 142 12.04 -19.64 13.83
C LEU A 142 11.27 -20.56 12.93
N ILE A 143 11.54 -21.84 13.07
CA ILE A 143 10.82 -22.89 12.38
C ILE A 143 10.27 -23.98 13.38
N SER A 144 9.40 -24.81 12.90
CA SER A 144 8.79 -25.90 13.69
C SER A 144 8.26 -25.44 15.01
N GLU A 145 7.43 -24.38 14.92
CA GLU A 145 6.89 -23.73 16.13
C GLU A 145 7.91 -23.40 17.14
N GLY A 146 9.08 -22.88 16.76
CA GLY A 146 10.03 -22.45 17.70
C GLY A 146 11.05 -23.43 18.16
N GLN A 147 11.00 -24.66 17.62
CA GLN A 147 11.89 -25.75 18.00
C GLN A 147 13.19 -25.67 17.20
N GLY A 148 13.20 -24.95 16.06
CA GLY A 148 14.38 -24.77 15.25
C GLY A 148 14.50 -23.31 14.78
N PHE A 149 15.67 -22.99 14.21
CA PHE A 149 15.94 -21.62 13.74
C PHE A 149 16.77 -21.82 12.48
N MET A 150 16.35 -21.19 11.38
CA MET A 150 17.03 -21.39 10.09
C MET A 150 17.59 -20.06 9.65
N THR A 151 18.86 -19.98 9.29
CA THR A 151 19.47 -18.67 9.03
C THR A 151 19.00 -18.09 7.70
N ARG A 152 18.99 -16.76 7.66
CA ARG A 152 18.68 -16.00 6.44
C ARG A 152 19.69 -16.36 5.32
N GLU A 153 20.97 -16.44 5.69
CA GLU A 153 22.03 -16.73 4.71
C GLU A 153 21.99 -18.16 4.25
N PHE A 154 21.62 -19.12 5.09
CA PHE A 154 21.39 -20.45 4.61
C PHE A 154 20.26 -20.50 3.55
N LEU A 155 19.14 -19.85 3.85
CA LEU A 155 17.99 -19.77 2.93
C LEU A 155 18.46 -19.16 1.59
N LYS A 156 19.33 -18.17 1.67
CA LYS A 156 19.80 -17.46 0.43
C LYS A 156 20.72 -18.33 -0.38
N SER A 157 21.34 -19.31 0.26
CA SER A 157 22.27 -20.14 -0.43
C SER A 157 21.59 -21.27 -1.19
N LEU A 158 20.29 -21.47 -1.02
CA LEU A 158 19.58 -22.50 -1.80
C LEU A 158 19.68 -22.23 -3.33
N ARG A 159 19.70 -23.32 -4.10
CA ARG A 159 19.85 -23.15 -5.53
C ARG A 159 18.65 -22.38 -6.13
N LYS A 160 18.95 -21.65 -7.17
CA LYS A 160 17.87 -21.01 -7.98
C LYS A 160 16.81 -22.02 -8.37
N PRO A 161 15.53 -21.68 -8.33
CA PRO A 161 14.99 -20.36 -7.99
C PRO A 161 14.65 -20.16 -6.49
N PHE A 162 15.08 -21.10 -5.64
CA PHE A 162 14.68 -21.08 -4.23
C PHE A 162 15.52 -20.15 -3.36
N GLY A 163 16.72 -19.83 -3.78
CA GLY A 163 17.58 -18.85 -3.05
C GLY A 163 17.00 -17.48 -2.76
N ASP A 164 16.08 -17.03 -3.60
CA ASP A 164 15.48 -15.70 -3.37
C ASP A 164 14.09 -15.73 -2.81
N PHE A 165 13.61 -16.90 -2.44
CA PHE A 165 12.24 -17.07 -2.03
C PHE A 165 11.92 -16.34 -0.70
N MET A 166 12.80 -16.41 0.28
CA MET A 166 12.51 -15.80 1.61
C MET A 166 13.03 -14.38 1.70
N GLU A 167 13.98 -14.00 0.85
CA GLU A 167 14.57 -12.66 0.93
C GLU A 167 13.62 -11.44 1.00
N PRO A 168 12.53 -11.42 0.21
CA PRO A 168 11.63 -10.30 0.37
C PRO A 168 10.94 -10.30 1.71
N LYS A 169 10.73 -11.45 2.32
CA LYS A 169 10.10 -11.52 3.63
C LYS A 169 11.05 -10.96 4.70
N PHE A 170 12.29 -11.36 4.64
CA PHE A 170 13.33 -10.80 5.56
C PHE A 170 13.51 -9.31 5.41
N GLU A 171 13.51 -8.83 4.12
CA GLU A 171 13.63 -7.40 3.88
C GLU A 171 12.45 -6.64 4.52
N PHE A 172 11.22 -7.15 4.32
CA PHE A 172 10.03 -6.59 4.95
C PHE A 172 10.19 -6.58 6.49
N ALA A 173 10.53 -7.75 7.03
CA ALA A 173 10.69 -7.91 8.47
C ALA A 173 11.64 -6.99 9.19
N VAL A 174 12.82 -6.74 8.60
CA VAL A 174 13.81 -5.86 9.26
C VAL A 174 13.21 -4.49 9.53
N LYS A 175 12.55 -3.95 8.52
CA LYS A 175 11.93 -2.64 8.65
C LYS A 175 10.68 -2.67 9.54
N PHE A 176 9.86 -3.66 9.32
CA PHE A 176 8.65 -3.84 10.16
C PHE A 176 8.94 -4.07 11.62
N ASN A 177 9.90 -4.94 11.95
CA ASN A 177 10.27 -5.17 13.31
C ASN A 177 10.87 -3.94 13.97
N ALA A 178 11.51 -3.07 13.20
CA ALA A 178 12.03 -1.79 13.78
C ALA A 178 10.95 -0.87 14.39
N LEU A 179 9.70 -1.09 14.04
CA LEU A 179 8.56 -0.40 14.64
C LEU A 179 8.19 -0.90 16.01
N GLU A 180 8.66 -2.07 16.40
CA GLU A 180 8.48 -2.60 17.76
CA GLU A 180 8.49 -2.61 17.76
C GLU A 180 7.02 -2.78 18.16
N LEU A 181 6.22 -3.25 17.23
CA LEU A 181 4.84 -3.59 17.51
C LEU A 181 4.78 -4.79 18.46
N ASP A 182 3.80 -4.77 19.32
CA ASP A 182 3.56 -5.94 20.16
C ASP A 182 2.29 -6.70 19.73
N ASP A 183 2.01 -7.77 20.45
CA ASP A 183 0.86 -8.63 20.00
C ASP A 183 -0.49 -7.89 20.09
N SER A 184 -0.68 -7.02 21.07
CA SER A 184 -1.87 -6.20 21.16
C SER A 184 -2.03 -5.24 19.98
N ASP A 185 -0.88 -4.68 19.50
CA ASP A 185 -0.93 -3.90 18.26
C ASP A 185 -1.25 -4.75 17.04
N LEU A 186 -0.60 -5.92 16.95
CA LEU A 186 -0.69 -6.78 15.77
C LEU A 186 -2.05 -7.40 15.65
N ALA A 187 -2.71 -7.69 16.78
CA ALA A 187 -4.09 -8.28 16.69
C ALA A 187 -5.04 -7.34 15.97
N ILE A 188 -4.90 -6.04 16.23
CA ILE A 188 -5.83 -5.09 15.56
C ILE A 188 -5.37 -4.90 14.11
N PHE A 189 -4.05 -4.77 13.87
CA PHE A 189 -3.54 -4.58 12.54
C PHE A 189 -4.03 -5.70 11.60
N ILE A 190 -3.95 -6.97 12.06
CA ILE A 190 -4.28 -8.04 11.14
C ILE A 190 -5.83 -8.00 10.88
N ALA A 191 -6.60 -7.59 11.86
CA ALA A 191 -8.07 -7.43 11.64
C ALA A 191 -8.37 -6.34 10.61
N VAL A 192 -7.63 -5.21 10.68
CA VAL A 192 -7.71 -4.16 9.65
C VAL A 192 -7.43 -4.72 8.28
N ILE A 193 -6.43 -5.56 8.13
CA ILE A 193 -6.05 -6.08 6.80
C ILE A 193 -7.19 -6.99 6.28
N ILE A 194 -7.72 -7.81 7.16
CA ILE A 194 -8.81 -8.75 6.73
C ILE A 194 -10.04 -7.95 6.20
N LEU A 195 -10.50 -6.92 6.95
CA LEU A 195 -11.65 -6.06 6.59
C LEU A 195 -11.33 -5.00 5.54
N SER A 196 -10.71 -5.40 4.44
CA SER A 196 -10.34 -4.50 3.39
C SER A 196 -11.44 -4.48 2.33
N GLY A 197 -12.10 -3.35 2.19
CA GLY A 197 -13.17 -3.17 1.21
C GLY A 197 -12.81 -3.05 -0.25
N ASP A 198 -11.55 -3.09 -0.58
CA ASP A 198 -11.09 -3.01 -1.95
C ASP A 198 -10.69 -4.30 -2.60
N ARG A 199 -10.94 -5.42 -1.96
CA ARG A 199 -10.65 -6.69 -2.56
C ARG A 199 -11.51 -6.93 -3.80
N PRO A 200 -10.92 -7.47 -4.86
CA PRO A 200 -11.78 -7.79 -6.03
C PRO A 200 -12.94 -8.68 -5.74
N GLY A 201 -14.10 -8.41 -6.37
CA GLY A 201 -15.21 -9.36 -6.31
C GLY A 201 -16.09 -9.35 -5.11
N LEU A 202 -15.92 -8.38 -4.24
CA LEU A 202 -16.81 -8.19 -3.14
C LEU A 202 -18.21 -7.71 -3.59
N LEU A 203 -19.20 -8.30 -2.95
CA LEU A 203 -20.62 -7.94 -3.18
C LEU A 203 -21.11 -6.69 -2.50
N ASN A 204 -20.77 -6.55 -1.22
CA ASN A 204 -21.36 -5.52 -0.43
C ASN A 204 -20.24 -4.79 0.37
N VAL A 205 -19.75 -3.70 -0.18
CA VAL A 205 -18.52 -3.06 0.32
C VAL A 205 -18.77 -2.24 1.59
N LYS A 206 -19.85 -1.46 1.64
CA LYS A 206 -20.08 -0.61 2.80
C LYS A 206 -20.10 -1.29 4.17
N PRO A 207 -20.68 -2.50 4.30
CA PRO A 207 -20.64 -3.11 5.65
C PRO A 207 -19.20 -3.53 6.09
N ILE A 208 -18.43 -3.90 5.11
CA ILE A 208 -17.00 -4.19 5.32
C ILE A 208 -16.25 -2.90 5.76
N GLU A 209 -16.48 -1.81 5.04
CA GLU A 209 -15.91 -0.50 5.36
C GLU A 209 -16.36 -0.04 6.75
N ASP A 210 -17.59 -0.31 7.14
CA ASP A 210 -18.06 0.08 8.48
C ASP A 210 -17.30 -0.71 9.59
N ILE A 211 -17.08 -2.00 9.39
CA ILE A 211 -16.30 -2.79 10.35
C ILE A 211 -14.82 -2.23 10.34
N GLN A 212 -14.27 -2.04 9.15
CA GLN A 212 -12.91 -1.50 9.06
C GLN A 212 -12.71 -0.16 9.78
N ASP A 213 -13.67 0.74 9.63
CA ASP A 213 -13.60 2.04 10.27
CA ASP A 213 -13.59 2.04 10.28
C ASP A 213 -13.49 1.93 11.81
N ASN A 214 -14.27 1.04 12.39
CA ASN A 214 -14.23 0.82 13.81
C ASN A 214 -12.88 0.17 14.24
N LEU A 215 -12.38 -0.74 13.43
CA LEU A 215 -11.09 -1.39 13.69
C LEU A 215 -9.95 -0.32 13.54
N LEU A 216 -10.08 0.57 12.54
CA LEU A 216 -9.09 1.65 12.36
C LEU A 216 -9.09 2.59 13.58
N GLN A 217 -10.29 2.93 14.10
CA GLN A 217 -10.34 3.70 15.29
C GLN A 217 -9.60 3.04 16.44
N ALA A 218 -9.84 1.73 16.59
CA ALA A 218 -9.26 0.98 17.70
C ALA A 218 -7.72 0.88 17.56
N LEU A 219 -7.26 0.68 16.33
CA LEU A 219 -5.83 0.61 16.06
C LEU A 219 -5.20 1.95 16.44
N GLU A 220 -5.74 3.05 15.94
CA GLU A 220 -5.20 4.36 16.21
C GLU A 220 -5.03 4.63 17.66
N LEU A 221 -6.06 4.31 18.43
CA LEU A 221 -5.99 4.48 19.87
C LEU A 221 -5.01 3.57 20.53
N GLN A 222 -4.97 2.30 20.14
CA GLN A 222 -3.97 1.36 20.64
C GLN A 222 -2.55 1.89 20.45
N LEU A 223 -2.30 2.43 19.24
CA LEU A 223 -0.95 2.90 18.89
C LEU A 223 -0.56 4.16 19.67
N LYS A 224 -1.51 5.08 19.83
CA LYS A 224 -1.30 6.25 20.67
C LYS A 224 -0.95 5.89 22.11
N LEU A 225 -1.68 4.96 22.72
CA LEU A 225 -1.46 4.65 24.08
C LEU A 225 -0.17 3.84 24.28
N ASN A 226 0.19 3.01 23.30
CA ASN A 226 1.23 2.03 23.52
C ASN A 226 2.62 2.57 22.98
N HIS A 227 2.66 3.64 22.17
CA HIS A 227 3.88 4.11 21.50
C HIS A 227 4.05 5.62 21.64
N PRO A 228 4.41 6.09 22.84
CA PRO A 228 4.48 7.48 23.11
C PRO A 228 5.55 8.20 22.29
N GLU A 229 6.48 7.45 21.78
CA GLU A 229 7.61 8.03 21.04
C GLU A 229 7.55 7.93 19.52
N SER A 230 6.41 7.53 18.98
CA SER A 230 6.19 7.48 17.57
C SER A 230 4.79 8.00 17.26
N SER A 231 4.69 9.33 17.12
CA SER A 231 3.37 9.96 17.06
C SER A 231 2.62 9.64 15.77
N GLN A 232 3.32 9.27 14.72
CA GLN A 232 2.68 8.94 13.44
C GLN A 232 2.82 7.43 13.08
N LEU A 233 2.90 6.58 14.13
CA LEU A 233 2.97 5.11 13.88
C LEU A 233 1.76 4.53 13.14
N PHE A 234 0.56 5.02 13.47
CA PHE A 234 -0.67 4.67 12.72
C PHE A 234 -0.45 4.88 11.23
N ALA A 235 -0.09 6.09 10.83
CA ALA A 235 0.19 6.33 9.42
C ALA A 235 1.24 5.41 8.86
N LYS A 236 2.28 5.14 9.62
CA LYS A 236 3.35 4.26 9.14
C LYS A 236 2.83 2.86 8.89
N LEU A 237 2.02 2.36 9.81
CA LEU A 237 1.37 1.03 9.64
C LEU A 237 0.46 0.97 8.50
N LEU A 238 -0.33 2.01 8.21
CA LEU A 238 -1.15 1.97 7.04
C LEU A 238 -0.26 1.88 5.73
N GLN A 239 0.84 2.60 5.74
CA GLN A 239 1.86 2.57 4.66
C GLN A 239 2.42 1.13 4.45
N LYS A 240 2.55 0.39 5.54
CA LYS A 240 3.04 -1.01 5.44
C LYS A 240 2.03 -1.90 4.74
N MET A 241 0.73 -1.62 4.98
CA MET A 241 -0.31 -2.42 4.35
CA MET A 241 -0.42 -2.27 4.33
C MET A 241 -0.21 -2.12 2.85
N THR A 242 -0.02 -0.87 2.51
CA THR A 242 0.23 -0.57 1.12
C THR A 242 1.40 -1.35 0.59
N ASP A 243 2.45 -1.44 1.38
CA ASP A 243 3.64 -2.21 0.96
C ASP A 243 3.34 -3.58 0.69
N LEU A 244 2.85 -4.34 1.75
CA LEU A 244 2.68 -5.81 1.86
C LEU A 244 2.14 -6.56 0.63
N ARG A 245 1.27 -5.85 -0.03
CA ARG A 245 0.74 -6.20 -1.34
C ARG A 245 1.83 -6.52 -2.38
N GLN A 246 3.06 -5.98 -2.19
CA GLN A 246 4.22 -6.20 -3.03
C GLN A 246 4.91 -7.53 -2.65
N ILE A 247 5.14 -7.78 -1.37
CA ILE A 247 5.65 -9.15 -1.08
C ILE A 247 4.68 -10.07 -1.84
N VAL A 248 3.36 -9.72 -1.88
CA VAL A 248 2.40 -10.69 -2.34
C VAL A 248 2.47 -10.70 -3.84
N THR A 249 2.30 -9.55 -4.49
CA THR A 249 2.47 -9.49 -5.96
C THR A 249 3.77 -10.23 -6.46
N GLU A 250 4.87 -10.10 -5.72
CA GLU A 250 6.13 -10.77 -6.09
C GLU A 250 6.28 -12.25 -5.66
N HIS A 251 5.68 -12.70 -4.55
CA HIS A 251 5.55 -14.14 -4.30
C HIS A 251 4.88 -14.79 -5.51
N VAL A 252 3.81 -14.15 -6.01
CA VAL A 252 2.99 -14.76 -7.06
C VAL A 252 3.79 -15.00 -8.33
N GLN A 253 4.50 -13.97 -8.78
CA GLN A 253 5.46 -14.13 -9.89
C GLN A 253 6.47 -15.28 -9.64
N LEU A 254 6.97 -15.36 -8.41
CA LEU A 254 7.96 -16.38 -8.10
C LEU A 254 7.42 -17.78 -8.22
N LEU A 255 6.28 -18.01 -7.60
CA LEU A 255 5.46 -19.23 -7.73
C LEU A 255 5.27 -19.72 -9.16
N GLN A 256 4.95 -18.80 -10.05
CA GLN A 256 4.69 -19.19 -11.41
C GLN A 256 6.01 -19.67 -12.03
N VAL A 257 7.12 -18.95 -11.84
CA VAL A 257 8.47 -19.46 -12.21
C VAL A 257 8.71 -20.86 -11.63
N ILE A 258 8.42 -21.04 -10.35
CA ILE A 258 8.58 -22.35 -9.68
C ILE A 258 7.72 -23.45 -10.34
N LYS A 259 6.43 -23.20 -10.49
CA LYS A 259 5.47 -24.20 -10.99
C LYS A 259 5.73 -24.54 -12.45
N LYS A 260 6.24 -23.57 -13.21
CA LYS A 260 6.68 -23.79 -14.59
C LYS A 260 7.89 -24.74 -14.67
N THR A 261 8.91 -24.48 -13.85
CA THR A 261 10.27 -25.04 -14.07
C THR A 261 10.74 -26.18 -13.14
N GLU A 262 9.92 -26.53 -12.14
CA GLU A 262 10.21 -27.56 -11.14
C GLU A 262 9.14 -28.65 -11.12
N THR A 263 9.54 -29.87 -10.76
CA THR A 263 8.57 -30.94 -10.51
C THR A 263 7.45 -30.42 -9.57
N ASP A 264 6.23 -30.89 -9.85
CA ASP A 264 5.10 -30.69 -8.94
C ASP A 264 5.50 -31.38 -7.63
N MET A 265 5.22 -30.75 -6.50
CA MET A 265 5.53 -31.38 -5.23
C MET A 265 4.21 -31.81 -4.60
N SER A 266 4.29 -32.51 -3.48
CA SER A 266 3.12 -33.10 -2.81
C SER A 266 2.06 -32.08 -2.38
N LEU A 267 0.80 -32.46 -2.57
CA LEU A 267 -0.32 -31.73 -1.99
C LEU A 267 -0.42 -32.01 -0.47
N HIS A 268 -0.65 -30.92 0.27
CA HIS A 268 -0.99 -31.02 1.70
C HIS A 268 -2.15 -32.00 1.90
N PRO A 269 -2.07 -32.86 2.96
CA PRO A 269 -3.13 -33.90 3.18
C PRO A 269 -4.59 -33.39 3.14
N LEU A 270 -4.84 -32.25 3.78
CA LEU A 270 -6.12 -31.55 3.76
C LEU A 270 -6.70 -31.34 2.35
N LEU A 271 -5.86 -30.93 1.39
CA LEU A 271 -6.29 -30.79 -0.03
C LEU A 271 -6.58 -32.17 -0.69
N GLN A 272 -5.63 -33.09 -0.56
CA GLN A 272 -5.79 -34.46 -1.07
C GLN A 272 -7.13 -35.05 -0.58
N GLU A 273 -7.45 -34.76 0.68
CA GLU A 273 -8.75 -35.07 1.26
C GLU A 273 -9.93 -34.29 0.68
N ILE A 274 -9.76 -32.98 0.45
CA ILE A 274 -10.81 -32.15 -0.20
C ILE A 274 -11.21 -32.63 -1.61
N TYR A 275 -10.29 -33.28 -2.35
CA TYR A 275 -10.62 -33.90 -3.64
C TYR A 275 -10.34 -35.41 -3.61
N GLN B 5 -8.83 25.32 21.33
CA GLN B 5 -7.70 26.29 21.46
C GLN B 5 -6.30 25.65 21.40
N LEU B 6 -5.56 26.02 20.36
CA LEU B 6 -4.40 25.26 19.95
C LEU B 6 -3.21 25.64 20.86
N ASN B 7 -2.41 24.65 21.22
CA ASN B 7 -1.14 24.95 21.88
C ASN B 7 -0.08 25.30 20.84
N PRO B 8 1.15 25.62 21.30
CA PRO B 8 2.11 26.05 20.27
C PRO B 8 2.48 25.01 19.26
N GLU B 9 2.62 23.74 19.64
CA GLU B 9 2.93 22.71 18.60
C GLU B 9 1.80 22.63 17.51
N SER B 10 0.56 22.62 17.96
CA SER B 10 -0.56 22.68 17.07
C SER B 10 -0.64 23.97 16.22
N ALA B 11 -0.44 25.14 16.81
CA ALA B 11 -0.41 26.37 16.03
C ALA B 11 0.70 26.30 14.94
N ASP B 12 1.86 25.71 15.24
CA ASP B 12 2.93 25.59 14.26
C ASP B 12 2.51 24.67 13.08
N LEU B 13 1.73 23.62 13.39
CA LEU B 13 1.20 22.67 12.34
C LEU B 13 0.24 23.39 11.44
N ARG B 14 -0.52 24.32 11.99
CA ARG B 14 -1.43 25.12 11.16
C ARG B 14 -0.68 26.11 10.27
N ALA B 15 0.37 26.72 10.82
CA ALA B 15 1.29 27.62 10.09
C ALA B 15 1.93 26.84 8.95
N LEU B 16 2.36 25.62 9.25
CA LEU B 16 2.95 24.75 8.21
C LEU B 16 1.95 24.48 7.11
N ALA B 17 0.71 24.12 7.49
CA ALA B 17 -0.32 23.83 6.47
C ALA B 17 -0.58 25.01 5.54
N LYS B 18 -0.61 26.20 6.13
CA LYS B 18 -0.87 27.42 5.34
C LYS B 18 0.30 27.79 4.42
N HIS B 19 1.50 27.56 4.87
CA HIS B 19 2.68 27.74 4.08
C HIS B 19 2.62 26.86 2.82
N LEU B 20 2.26 25.59 3.01
CA LEU B 20 2.16 24.63 1.94
C LEU B 20 1.05 25.02 1.02
N TYR B 21 -0.11 25.42 1.55
CA TYR B 21 -1.19 25.91 0.72
C TYR B 21 -0.72 27.05 -0.19
N ASP B 22 -0.13 28.07 0.40
CA ASP B 22 0.28 29.25 -0.36
C ASP B 22 1.26 28.92 -1.45
N SER B 23 2.15 27.98 -1.15
CA SER B 23 3.12 27.52 -2.10
C SER B 23 2.47 26.69 -3.22
N TYR B 24 1.52 25.86 -2.85
CA TYR B 24 0.75 25.05 -3.80
C TYR B 24 -0.01 25.97 -4.80
N ILE B 25 -0.60 27.03 -4.30
CA ILE B 25 -1.26 28.08 -5.17
C ILE B 25 -0.26 28.73 -6.10
N LYS B 26 0.91 29.00 -5.62
CA LYS B 26 1.98 29.56 -6.43
C LYS B 26 2.47 28.60 -7.53
N SER B 27 2.55 27.30 -7.24
CA SER B 27 3.09 26.35 -8.15
C SER B 27 2.17 25.75 -9.19
N PHE B 28 0.88 25.64 -8.90
CA PHE B 28 -0.08 24.89 -9.69
C PHE B 28 -1.18 25.87 -10.08
N PRO B 29 -1.07 26.42 -11.26
CA PRO B 29 -2.09 27.42 -11.69
C PRO B 29 -3.57 26.90 -11.73
N LEU B 30 -3.73 25.66 -12.18
CA LEU B 30 -5.08 25.04 -12.24
C LEU B 30 -5.37 24.23 -10.98
N THR B 31 -6.06 24.87 -10.03
CA THR B 31 -6.37 24.26 -8.71
C THR B 31 -7.63 23.40 -8.79
N LYS B 32 -7.83 22.55 -7.78
CA LYS B 32 -9.09 21.87 -7.72
C LYS B 32 -10.32 22.84 -7.66
N ALA B 33 -10.22 23.91 -6.87
CA ALA B 33 -11.35 24.85 -6.75
C ALA B 33 -11.71 25.42 -8.16
N LYS B 34 -10.70 25.86 -8.90
CA LYS B 34 -10.99 26.37 -10.27
C LYS B 34 -11.51 25.28 -11.20
N ALA B 35 -10.93 24.08 -11.12
CA ALA B 35 -11.42 22.97 -11.97
C ALA B 35 -12.86 22.70 -11.66
N ARG B 36 -13.21 22.62 -10.38
CA ARG B 36 -14.55 22.23 -10.01
CA ARG B 36 -14.57 22.27 -9.95
C ARG B 36 -15.59 23.28 -10.46
N ALA B 37 -15.16 24.54 -10.50
CA ALA B 37 -15.99 25.65 -10.96
C ALA B 37 -16.26 25.45 -12.43
N ILE B 38 -15.20 25.20 -13.19
CA ILE B 38 -15.36 24.90 -14.63
C ILE B 38 -16.29 23.72 -14.81
N LEU B 39 -16.15 22.64 -14.02
CA LEU B 39 -16.84 21.38 -14.29
C LEU B 39 -18.33 21.39 -13.95
N THR B 40 -18.74 22.41 -13.22
CA THR B 40 -20.06 22.52 -12.67
C THR B 40 -20.68 23.83 -13.21
N GLY B 41 -20.05 24.40 -14.23
CA GLY B 41 -20.35 25.73 -14.78
C GLY B 41 -20.61 26.80 -13.77
N LYS B 42 -19.58 27.54 -13.35
CA LYS B 42 -19.72 28.64 -12.37
C LYS B 42 -18.74 29.79 -12.63
N THR B 43 -18.49 30.08 -13.91
CA THR B 43 -17.35 30.92 -14.29
C THR B 43 -17.47 31.46 -15.72
N LYS B 46 -16.60 31.11 -18.82
CA LYS B 46 -16.66 30.47 -20.14
C LYS B 46 -16.57 28.92 -20.08
N SER B 47 -17.47 28.24 -20.79
CA SER B 47 -17.67 26.81 -20.58
C SER B 47 -16.76 26.00 -21.51
N PRO B 48 -16.29 24.83 -21.07
CA PRO B 48 -15.32 24.15 -21.95
C PRO B 48 -15.91 23.52 -23.24
N PHE B 49 -15.12 23.46 -24.29
CA PHE B 49 -15.50 22.78 -25.53
C PHE B 49 -15.50 21.29 -25.23
N VAL B 50 -16.60 20.62 -25.53
CA VAL B 50 -16.74 19.20 -25.24
C VAL B 50 -16.31 18.33 -26.41
N ILE B 51 -15.38 17.43 -26.16
CA ILE B 51 -14.88 16.50 -27.16
C ILE B 51 -15.46 15.14 -26.80
N TYR B 52 -16.35 14.65 -27.66
CA TYR B 52 -17.10 13.42 -27.40
C TYR B 52 -17.00 12.41 -28.54
N ASP B 53 -16.37 12.77 -29.64
CA ASP B 53 -16.17 11.85 -30.76
C ASP B 53 -15.15 12.46 -31.68
N MET B 54 -14.81 11.75 -32.75
CA MET B 54 -13.81 12.24 -33.68
C MET B 54 -14.19 13.57 -34.36
N ASN B 55 -15.46 13.73 -34.70
CA ASN B 55 -15.94 14.97 -35.33
C ASN B 55 -15.70 16.16 -34.43
N SER B 56 -16.15 16.04 -33.19
CA SER B 56 -15.99 17.13 -32.23
C SER B 56 -14.55 17.37 -31.85
N LEU B 57 -13.72 16.32 -31.79
CA LEU B 57 -12.27 16.55 -31.66
C LEU B 57 -11.73 17.48 -32.79
N MET B 58 -12.01 17.12 -34.04
CA MET B 58 -11.48 17.94 -35.18
C MET B 58 -12.03 19.38 -35.13
N MET B 59 -13.31 19.51 -34.77
CA MET B 59 -13.98 20.81 -34.71
C MET B 59 -13.35 21.68 -33.62
N GLY B 60 -13.19 21.08 -32.43
CA GLY B 60 -12.46 21.71 -31.35
C GLY B 60 -11.03 22.11 -31.66
N GLU B 61 -10.29 21.22 -32.33
CA GLU B 61 -8.90 21.53 -32.67
C GLU B 61 -8.82 22.65 -33.71
N ASP B 62 -9.85 22.78 -34.57
CA ASP B 62 -9.92 23.88 -35.56
C ASP B 62 -10.08 25.27 -34.91
N LYS B 63 -10.91 25.39 -33.87
CA LYS B 63 -11.24 26.71 -33.27
C LYS B 63 -10.67 27.01 -31.89
N ILE B 64 -10.07 26.02 -31.25
CA ILE B 64 -9.32 26.23 -30.00
C ILE B 64 -7.93 25.69 -30.23
N LYS B 65 -6.92 26.45 -29.82
CA LYS B 65 -5.55 26.02 -29.95
C LYS B 65 -5.36 25.19 -28.69
N PHE B 66 -5.87 23.94 -28.71
CA PHE B 66 -5.67 23.05 -27.56
C PHE B 66 -4.20 22.78 -27.38
N LYS B 67 -3.80 22.65 -26.13
CA LYS B 67 -2.40 22.45 -25.78
C LYS B 67 -1.79 21.17 -26.33
N HIS B 68 -2.59 20.15 -26.60
CA HIS B 68 -2.03 18.91 -27.19
C HIS B 68 -1.60 19.03 -28.67
N ILE B 69 -1.96 20.14 -29.33
CA ILE B 69 -1.42 20.49 -30.66
C ILE B 69 -0.15 21.38 -30.52
N THR B 70 1.00 20.97 -31.07
CA THR B 70 2.23 21.83 -31.17
C THR B 70 3.11 21.39 -32.33
N LYS B 77 0.81 11.35 -35.22
CA LYS B 77 -0.14 12.09 -36.07
C LYS B 77 -1.58 11.50 -36.04
N GLU B 78 -1.70 10.19 -36.03
CA GLU B 78 -2.93 9.47 -35.67
C GLU B 78 -3.46 10.00 -34.30
N VAL B 79 -4.78 10.19 -34.17
CA VAL B 79 -5.41 10.79 -32.96
C VAL B 79 -5.00 10.11 -31.63
N ALA B 80 -5.00 8.78 -31.53
CA ALA B 80 -4.64 8.14 -30.24
C ALA B 80 -3.23 8.52 -29.78
N ILE B 81 -2.30 8.63 -30.73
CA ILE B 81 -0.96 8.93 -30.42
C ILE B 81 -0.75 10.40 -30.00
N ARG B 82 -1.40 11.31 -30.69
CA ARG B 82 -1.41 12.71 -30.38
C ARG B 82 -1.94 12.99 -28.97
N ILE B 83 -3.00 12.28 -28.61
CA ILE B 83 -3.58 12.42 -27.29
C ILE B 83 -2.59 11.93 -26.26
N PHE B 84 -2.07 10.72 -26.47
CA PHE B 84 -1.13 10.15 -25.56
C PHE B 84 0.09 11.04 -25.38
N GLN B 85 0.63 11.56 -26.47
CA GLN B 85 1.82 12.41 -26.35
C GLN B 85 1.56 13.73 -25.73
N GLY B 86 0.36 14.24 -25.94
CA GLY B 86 -0.01 15.45 -25.26
C GLY B 86 -0.04 15.24 -23.75
N CYS B 87 -0.61 14.13 -23.31
CA CYS B 87 -0.57 13.73 -21.89
C CYS B 87 0.87 13.65 -21.38
N GLN B 88 1.77 13.01 -22.15
CA GLN B 88 3.22 13.00 -21.77
C GLN B 88 3.83 14.40 -21.65
N PHE B 89 3.50 15.29 -22.61
CA PHE B 89 4.01 16.65 -22.63
C PHE B 89 3.59 17.41 -21.38
N ARG B 90 2.32 17.35 -21.09
CA ARG B 90 1.82 17.99 -19.91
C ARG B 90 2.38 17.42 -18.60
N SER B 91 2.63 16.14 -18.59
CA SER B 91 3.23 15.44 -17.45
C SER B 91 4.65 15.93 -17.21
N VAL B 92 5.43 16.12 -18.26
CA VAL B 92 6.78 16.72 -18.16
C VAL B 92 6.71 18.11 -17.57
N GLU B 93 5.72 18.95 -17.98
CA GLU B 93 5.55 20.22 -17.33
C GLU B 93 5.16 20.08 -15.86
N ALA B 94 4.32 19.12 -15.57
CA ALA B 94 3.92 18.85 -14.15
C ALA B 94 5.11 18.51 -13.28
N VAL B 95 6.07 17.77 -13.83
CA VAL B 95 7.31 17.46 -13.07
C VAL B 95 8.00 18.75 -12.66
N GLN B 96 8.05 19.75 -13.55
CA GLN B 96 8.67 21.02 -13.16
C GLN B 96 7.91 21.76 -12.05
N GLU B 97 6.58 21.82 -12.19
CA GLU B 97 5.69 22.39 -11.21
C GLU B 97 5.89 21.69 -9.86
N ILE B 98 5.87 20.35 -9.89
CA ILE B 98 6.02 19.61 -8.61
C ILE B 98 7.41 19.82 -7.90
N THR B 99 8.45 19.92 -8.71
CA THR B 99 9.78 20.18 -8.21
C THR B 99 9.80 21.59 -7.59
N GLU B 100 9.16 22.59 -8.19
CA GLU B 100 9.12 23.94 -7.59
C GLU B 100 8.39 23.91 -6.27
N TYR B 101 7.28 23.17 -6.25
CA TYR B 101 6.57 22.99 -4.99
C TYR B 101 7.46 22.34 -3.90
N ALA B 102 8.16 21.29 -4.29
CA ALA B 102 8.99 20.49 -3.36
C ALA B 102 10.02 21.40 -2.66
N LYS B 103 10.51 22.40 -3.41
CA LYS B 103 11.49 23.35 -2.84
C LYS B 103 11.01 24.16 -1.73
N SER B 104 9.69 24.34 -1.65
CA SER B 104 9.05 25.07 -0.58
C SER B 104 8.69 24.27 0.62
N ILE B 105 8.88 22.95 0.61
CA ILE B 105 8.59 22.13 1.76
C ILE B 105 9.71 22.32 2.75
N PRO B 106 9.40 22.78 3.98
CA PRO B 106 10.46 23.00 4.96
C PRO B 106 11.31 21.78 5.22
N GLY B 107 12.62 21.96 4.98
CA GLY B 107 13.58 20.88 5.15
C GLY B 107 13.99 20.14 3.88
N PHE B 108 13.19 20.21 2.80
CA PHE B 108 13.44 19.40 1.62
C PHE B 108 14.79 19.77 0.98
N VAL B 109 15.02 21.07 0.82
CA VAL B 109 16.25 21.46 0.09
C VAL B 109 17.49 21.28 1.00
N ASN B 110 17.29 20.99 2.29
CA ASN B 110 18.41 20.61 3.16
C ASN B 110 18.80 19.14 3.10
N LEU B 111 17.99 18.30 2.43
CA LEU B 111 18.36 16.91 2.27
C LEU B 111 19.52 16.85 1.23
N ASP B 112 20.26 15.77 1.25
CA ASP B 112 21.17 15.39 0.17
C ASP B 112 20.55 15.55 -1.14
N LEU B 113 21.24 16.25 -2.03
CA LEU B 113 20.70 16.49 -3.35
C LEU B 113 20.35 15.26 -4.10
N ASN B 114 21.14 14.19 -3.99
CA ASN B 114 20.77 12.97 -4.67
C ASN B 114 19.44 12.39 -4.10
N ASP B 115 19.21 12.55 -2.82
CA ASP B 115 17.93 12.07 -2.23
C ASP B 115 16.73 12.96 -2.72
N GLN B 116 16.94 14.26 -2.82
CA GLN B 116 15.90 15.16 -3.42
C GLN B 116 15.47 14.63 -4.74
N VAL B 117 16.48 14.34 -5.60
CA VAL B 117 16.20 13.79 -6.88
C VAL B 117 15.49 12.46 -6.88
N THR B 118 15.96 11.55 -6.06
CA THR B 118 15.32 10.28 -5.96
C THR B 118 13.85 10.39 -5.47
N LEU B 119 13.61 11.24 -4.49
CA LEU B 119 12.19 11.44 -3.98
C LEU B 119 11.28 11.95 -5.08
N LEU B 120 11.76 12.91 -5.88
CA LEU B 120 10.97 13.44 -6.96
C LEU B 120 10.79 12.45 -8.10
N LYS B 121 11.86 11.74 -8.48
CA LYS B 121 11.79 10.80 -9.51
C LYS B 121 10.68 9.76 -9.26
N TYR B 122 10.66 9.21 -8.06
CA TYR B 122 9.64 8.19 -7.78
C TYR B 122 8.28 8.76 -7.32
N GLY B 123 8.22 10.02 -6.95
CA GLY B 123 7.02 10.67 -6.38
C GLY B 123 6.17 11.36 -7.44
N VAL B 124 6.79 11.83 -8.52
CA VAL B 124 6.02 12.64 -9.51
C VAL B 124 4.87 11.88 -10.16
N HIS B 125 5.02 10.59 -10.47
CA HIS B 125 3.92 9.86 -11.05
C HIS B 125 2.68 9.79 -10.16
N GLU B 126 2.93 9.48 -8.91
CA GLU B 126 1.83 9.38 -7.91
C GLU B 126 1.12 10.74 -7.72
N ILE B 127 1.92 11.80 -7.74
CA ILE B 127 1.36 13.15 -7.61
C ILE B 127 0.61 13.59 -8.82
N ILE B 128 1.16 13.32 -10.01
CA ILE B 128 0.40 13.60 -11.25
C ILE B 128 -0.95 12.94 -11.19
N TYR B 129 -1.04 11.69 -10.75
CA TYR B 129 -2.36 11.01 -10.76
C TYR B 129 -3.34 11.54 -9.68
N THR B 130 -2.77 11.94 -8.53
CA THR B 130 -3.53 12.55 -7.48
C THR B 130 -4.17 13.84 -8.01
N MET B 131 -3.37 14.68 -8.62
CA MET B 131 -3.80 15.99 -9.10
C MET B 131 -4.67 15.86 -10.29
N LEU B 132 -4.42 14.86 -11.14
CA LEU B 132 -5.30 14.62 -12.29
C LEU B 132 -6.74 14.36 -11.87
N ALA B 133 -6.94 13.73 -10.73
CA ALA B 133 -8.27 13.53 -10.20
C ALA B 133 -9.06 14.80 -10.01
N SER B 134 -8.37 15.88 -9.63
CA SER B 134 -9.06 17.18 -9.53
C SER B 134 -9.70 17.65 -10.84
N LEU B 135 -9.18 17.24 -11.97
CA LEU B 135 -9.66 17.63 -13.32
C LEU B 135 -10.73 16.72 -13.87
N MET B 136 -11.09 15.70 -13.10
CA MET B 136 -11.97 14.62 -13.61
C MET B 136 -13.31 14.56 -12.89
N ASN B 137 -14.31 14.06 -13.62
CA ASN B 137 -15.51 13.50 -12.96
C ASN B 137 -15.76 12.17 -13.60
N LYS B 138 -16.85 11.49 -13.29
CA LYS B 138 -16.94 10.13 -13.80
C LYS B 138 -17.16 10.10 -15.32
N ASP B 139 -17.48 11.24 -15.93
CA ASP B 139 -17.83 11.31 -17.35
C ASP B 139 -16.71 11.84 -18.22
N GLY B 140 -15.63 12.39 -17.63
CA GLY B 140 -14.58 12.94 -18.44
C GLY B 140 -13.55 13.78 -17.70
N VAL B 141 -12.68 14.40 -18.48
CA VAL B 141 -11.49 15.13 -17.92
C VAL B 141 -11.29 16.47 -18.60
N LEU B 142 -10.99 17.50 -17.81
CA LEU B 142 -10.58 18.80 -18.37
C LEU B 142 -9.23 18.73 -19.07
N ILE B 143 -9.12 19.35 -20.23
CA ILE B 143 -7.91 19.40 -20.99
C ILE B 143 -7.57 20.85 -21.28
N SER B 144 -6.32 21.10 -21.60
CA SER B 144 -5.87 22.46 -22.01
C SER B 144 -6.22 23.53 -20.98
N GLU B 145 -5.81 23.26 -19.75
CA GLU B 145 -5.99 24.16 -18.64
C GLU B 145 -7.45 24.57 -18.48
N GLY B 146 -8.36 23.64 -18.73
CA GLY B 146 -9.75 23.86 -18.50
C GLY B 146 -10.52 24.34 -19.70
N GLN B 147 -9.87 24.49 -20.85
CA GLN B 147 -10.57 24.96 -22.07
C GLN B 147 -11.37 23.92 -22.80
N GLY B 148 -10.99 22.64 -22.66
CA GLY B 148 -11.70 21.52 -23.26
C GLY B 148 -12.12 20.55 -22.18
N PHE B 149 -13.09 19.70 -22.52
CA PHE B 149 -13.53 18.54 -21.69
C PHE B 149 -13.66 17.34 -22.64
N MET B 150 -12.80 16.37 -22.42
CA MET B 150 -12.71 15.14 -23.21
C MET B 150 -13.48 14.07 -22.44
N THR B 151 -14.47 13.45 -23.09
CA THR B 151 -15.27 12.50 -22.39
C THR B 151 -14.51 11.22 -22.16
N ARG B 152 -14.95 10.55 -21.10
CA ARG B 152 -14.38 9.28 -20.72
C ARG B 152 -14.70 8.19 -21.82
N GLU B 153 -15.92 8.23 -22.36
CA GLU B 153 -16.28 7.34 -23.49
C GLU B 153 -15.45 7.57 -24.77
N PHE B 154 -15.22 8.83 -25.15
CA PHE B 154 -14.28 9.10 -26.21
C PHE B 154 -12.90 8.49 -26.00
N LEU B 155 -12.38 8.62 -24.78
CA LEU B 155 -11.03 8.10 -24.49
C LEU B 155 -10.99 6.54 -24.55
N LYS B 156 -12.02 5.89 -24.04
CA LYS B 156 -12.23 4.43 -24.19
C LYS B 156 -12.29 3.93 -25.64
N SER B 157 -12.69 4.81 -26.56
CA SER B 157 -12.87 4.51 -27.94
C SER B 157 -11.59 4.47 -28.73
N LEU B 158 -10.48 4.93 -28.16
CA LEU B 158 -9.29 5.02 -28.91
C LEU B 158 -8.83 3.59 -29.13
N ARG B 159 -8.11 3.42 -30.22
CA ARG B 159 -7.67 2.11 -30.62
C ARG B 159 -6.65 1.57 -29.61
N LYS B 160 -6.68 0.26 -29.43
CA LYS B 160 -5.83 -0.40 -28.43
C LYS B 160 -4.38 -0.23 -28.84
N PRO B 161 -3.44 0.02 -27.92
CA PRO B 161 -3.59 -0.05 -26.46
C PRO B 161 -4.04 1.25 -25.76
N PHE B 162 -4.38 2.26 -26.56
CA PHE B 162 -4.67 3.57 -26.00
C PHE B 162 -6.05 3.72 -25.43
N GLY B 163 -6.98 2.86 -25.80
CA GLY B 163 -8.31 2.99 -25.29
C GLY B 163 -8.50 2.66 -23.84
N ASP B 164 -7.53 2.01 -23.22
CA ASP B 164 -7.66 1.76 -21.76
C ASP B 164 -6.60 2.50 -20.93
N PHE B 165 -5.94 3.48 -21.54
CA PHE B 165 -4.87 4.19 -20.94
C PHE B 165 -5.41 5.04 -19.74
N MET B 166 -6.51 5.77 -19.96
CA MET B 166 -7.11 6.67 -18.93
C MET B 166 -8.05 5.98 -17.97
N GLU B 167 -8.58 4.81 -18.37
CA GLU B 167 -9.56 4.13 -17.54
C GLU B 167 -9.17 3.82 -16.07
N PRO B 168 -7.95 3.35 -15.78
CA PRO B 168 -7.60 3.21 -14.36
C PRO B 168 -7.56 4.55 -13.60
N LYS B 169 -7.23 5.63 -14.32
CA LYS B 169 -7.18 6.98 -13.69
C LYS B 169 -8.57 7.44 -13.36
N PHE B 170 -9.53 7.20 -14.28
CA PHE B 170 -10.90 7.55 -14.02
C PHE B 170 -11.41 6.73 -12.84
N GLU B 171 -11.07 5.42 -12.78
CA GLU B 171 -11.53 4.59 -11.65
C GLU B 171 -11.06 5.07 -10.29
N PHE B 172 -9.76 5.33 -10.23
CA PHE B 172 -9.12 5.92 -9.07
C PHE B 172 -9.79 7.29 -8.72
N ALA B 173 -9.99 8.14 -9.75
CA ALA B 173 -10.55 9.47 -9.48
C ALA B 173 -11.94 9.47 -8.86
N VAL B 174 -12.81 8.60 -9.33
CA VAL B 174 -14.15 8.46 -8.69
C VAL B 174 -14.05 8.18 -7.22
N LYS B 175 -13.19 7.22 -6.83
CA LYS B 175 -13.05 6.90 -5.42
C LYS B 175 -12.40 8.03 -4.62
N PHE B 176 -11.37 8.61 -5.21
CA PHE B 176 -10.58 9.60 -4.52
C PHE B 176 -11.43 10.87 -4.32
N ASN B 177 -12.10 11.31 -5.38
CA ASN B 177 -12.91 12.49 -5.32
C ASN B 177 -14.07 12.31 -4.32
N ALA B 178 -14.46 11.07 -4.02
CA ALA B 178 -15.52 10.89 -2.99
C ALA B 178 -15.04 11.21 -1.56
N LEU B 179 -13.71 11.37 -1.35
CA LEU B 179 -13.16 11.86 -0.12
C LEU B 179 -13.37 13.39 0.10
N GLU B 180 -13.73 14.11 -0.98
CA GLU B 180 -14.11 15.50 -1.00
C GLU B 180 -12.99 16.39 -0.43
N LEU B 181 -11.74 16.09 -0.79
CA LEU B 181 -10.63 16.89 -0.31
C LEU B 181 -10.66 18.23 -1.06
N ASP B 182 -10.12 19.23 -0.39
CA ASP B 182 -9.87 20.51 -1.06
C ASP B 182 -8.41 20.79 -1.26
N ASP B 183 -8.11 21.86 -1.94
CA ASP B 183 -6.71 22.21 -2.24
C ASP B 183 -5.81 22.28 -1.02
N SER B 184 -6.29 22.87 0.07
CA SER B 184 -5.53 22.93 1.32
C SER B 184 -5.20 21.53 1.87
N ASP B 185 -6.09 20.60 1.68
CA ASP B 185 -5.83 19.21 2.13
C ASP B 185 -4.79 18.61 1.17
N LEU B 186 -5.04 18.77 -0.12
CA LEU B 186 -4.17 18.23 -1.16
C LEU B 186 -2.75 18.73 -1.11
N ALA B 187 -2.55 20.02 -0.76
CA ALA B 187 -1.19 20.56 -0.62
C ALA B 187 -0.39 19.73 0.39
N ILE B 188 -1.02 19.38 1.51
CA ILE B 188 -0.30 18.65 2.54
C ILE B 188 -0.07 17.18 2.07
N PHE B 189 -1.09 16.59 1.51
CA PHE B 189 -1.00 15.14 1.10
C PHE B 189 0.07 15.02 0.03
N ILE B 190 0.13 15.93 -0.93
CA ILE B 190 1.24 15.82 -1.95
C ILE B 190 2.63 15.95 -1.33
N ALA B 191 2.77 16.84 -0.35
CA ALA B 191 4.01 16.88 0.41
C ALA B 191 4.40 15.58 1.14
N VAL B 192 3.40 14.92 1.68
CA VAL B 192 3.61 13.62 2.34
C VAL B 192 4.09 12.61 1.29
N ILE B 193 3.50 12.61 0.10
CA ILE B 193 3.90 11.71 -0.97
C ILE B 193 5.39 11.92 -1.32
N ILE B 194 5.77 13.17 -1.50
CA ILE B 194 7.14 13.50 -1.82
C ILE B 194 8.13 12.91 -0.83
N LEU B 195 7.86 13.09 0.48
CA LEU B 195 8.74 12.73 1.55
C LEU B 195 8.55 11.24 2.02
N SER B 196 8.55 10.35 1.04
CA SER B 196 8.40 8.92 1.26
C SER B 196 9.78 8.26 1.45
N GLY B 197 10.07 7.79 2.64
CA GLY B 197 11.41 7.26 2.98
C GLY B 197 11.63 5.83 2.44
N ASP B 198 10.64 5.29 1.76
CA ASP B 198 10.74 3.94 1.19
C ASP B 198 11.17 3.88 -0.26
N ARG B 199 11.48 5.01 -0.88
CA ARG B 199 11.90 4.96 -2.25
C ARG B 199 13.27 4.18 -2.35
N PRO B 200 13.41 3.40 -3.41
CA PRO B 200 14.66 2.67 -3.69
C PRO B 200 15.83 3.59 -3.81
N GLY B 201 16.89 3.27 -3.09
CA GLY B 201 18.15 3.96 -3.24
C GLY B 201 18.41 5.18 -2.42
N LEU B 202 17.47 5.53 -1.56
CA LEU B 202 17.70 6.67 -0.74
C LEU B 202 18.91 6.49 0.18
N LEU B 203 19.73 7.50 0.25
CA LEU B 203 20.90 7.49 1.17
C LEU B 203 20.59 7.68 2.68
N ASN B 204 19.86 8.73 3.03
CA ASN B 204 19.69 9.10 4.41
C ASN B 204 18.12 9.07 4.66
N VAL B 205 17.62 7.94 5.11
CA VAL B 205 16.13 7.74 5.29
C VAL B 205 15.61 8.53 6.45
N LYS B 206 16.31 8.52 7.57
CA LYS B 206 15.78 9.13 8.78
C LYS B 206 15.38 10.63 8.61
N PRO B 207 16.24 11.44 8.00
CA PRO B 207 15.83 12.85 7.83
C PRO B 207 14.62 13.09 6.96
N ILE B 208 14.37 12.17 6.04
CA ILE B 208 13.17 12.19 5.18
C ILE B 208 11.96 11.89 6.10
N GLU B 209 12.08 10.83 6.87
CA GLU B 209 10.94 10.39 7.70
C GLU B 209 10.62 11.39 8.73
N ASP B 210 11.62 12.08 9.26
CA ASP B 210 11.37 13.13 10.21
C ASP B 210 10.49 14.25 9.61
N ILE B 211 10.80 14.66 8.41
CA ILE B 211 9.97 15.66 7.74
C ILE B 211 8.59 15.09 7.45
N GLN B 212 8.54 13.85 6.94
CA GLN B 212 7.22 13.20 6.61
C GLN B 212 6.37 13.16 7.88
N ASP B 213 6.98 12.82 8.99
CA ASP B 213 6.20 12.73 10.24
C ASP B 213 5.58 14.07 10.66
N ASN B 214 6.32 15.17 10.48
CA ASN B 214 5.81 16.47 10.75
C ASN B 214 4.69 16.83 9.72
N LEU B 215 4.88 16.48 8.46
CA LEU B 215 3.82 16.71 7.49
C LEU B 215 2.52 15.88 7.79
N LEU B 216 2.70 14.62 8.17
CA LEU B 216 1.53 13.77 8.58
C LEU B 216 0.83 14.38 9.78
N GLN B 217 1.57 14.91 10.76
CA GLN B 217 0.94 15.57 11.91
C GLN B 217 0.06 16.72 11.43
N ALA B 218 0.59 17.49 10.47
CA ALA B 218 -0.15 18.63 9.95
C ALA B 218 -1.41 18.22 9.12
N LEU B 219 -1.26 17.11 8.36
CA LEU B 219 -2.39 16.54 7.61
C LEU B 219 -3.45 16.05 8.58
N GLU B 220 -3.05 15.34 9.63
CA GLU B 220 -4.02 14.74 10.54
C GLU B 220 -4.83 15.89 11.21
N LEU B 221 -4.13 16.93 11.62
CA LEU B 221 -4.82 18.10 12.25
C LEU B 221 -5.76 18.83 11.25
N GLN B 222 -5.30 19.00 10.02
CA GLN B 222 -6.04 19.66 8.99
C GLN B 222 -7.32 18.91 8.73
N LEU B 223 -7.23 17.58 8.60
CA LEU B 223 -8.42 16.84 8.35
C LEU B 223 -9.43 16.78 9.51
N LYS B 224 -8.96 16.75 10.74
CA LYS B 224 -9.78 16.77 11.97
C LYS B 224 -10.52 18.10 12.02
N LEU B 225 -9.85 19.16 11.64
CA LEU B 225 -10.49 20.49 11.64
C LEU B 225 -11.40 20.78 10.53
N ASN B 226 -11.02 20.43 9.30
CA ASN B 226 -11.68 20.76 7.99
CA ASN B 226 -11.82 20.85 8.20
C ASN B 226 -12.81 19.76 7.74
N HIS B 227 -12.70 18.54 8.30
CA HIS B 227 -13.66 17.48 7.95
C HIS B 227 -14.05 16.76 9.21
N PRO B 228 -14.56 17.49 10.23
CA PRO B 228 -14.80 16.88 11.55
C PRO B 228 -15.81 15.70 11.52
N GLU B 229 -16.67 15.67 10.51
CA GLU B 229 -17.71 14.62 10.37
C GLU B 229 -17.31 13.41 9.51
N SER B 230 -16.11 13.42 8.97
CA SER B 230 -15.67 12.41 8.02
C SER B 230 -14.81 11.44 8.82
N SER B 231 -15.43 10.33 9.21
CA SER B 231 -14.77 9.38 10.13
C SER B 231 -13.56 8.71 9.46
N GLN B 232 -12.43 8.80 10.17
CA GLN B 232 -11.16 8.12 9.77
C GLN B 232 -10.77 8.59 8.33
N LEU B 233 -11.06 9.87 7.99
CA LEU B 233 -10.65 10.38 6.70
C LEU B 233 -9.12 10.28 6.51
N PHE B 234 -8.33 10.61 7.54
CA PHE B 234 -6.89 10.48 7.42
C PHE B 234 -6.48 9.08 7.01
N ALA B 235 -6.98 8.07 7.74
CA ALA B 235 -6.71 6.66 7.35
C ALA B 235 -7.13 6.35 5.91
N LYS B 236 -8.34 6.75 5.53
CA LYS B 236 -8.87 6.39 4.21
C LYS B 236 -8.03 7.08 3.12
N LEU B 237 -7.60 8.32 3.40
CA LEU B 237 -6.65 9.01 2.47
C LEU B 237 -5.29 8.31 2.37
N LEU B 238 -4.71 7.90 3.47
CA LEU B 238 -3.43 7.20 3.41
C LEU B 238 -3.58 5.85 2.68
N GLN B 239 -4.72 5.19 2.88
CA GLN B 239 -4.96 3.93 2.14
C GLN B 239 -4.94 4.15 0.61
N LYS B 240 -5.27 5.35 0.14
CA LYS B 240 -5.17 5.60 -1.31
C LYS B 240 -3.76 5.53 -1.91
N MET B 241 -2.73 5.54 -1.11
CA MET B 241 -1.36 5.37 -1.59
CA MET B 241 -1.39 5.29 -1.64
C MET B 241 -1.35 4.00 -2.39
N THR B 242 -2.20 3.03 -1.99
CA THR B 242 -2.32 1.75 -2.70
C THR B 242 -2.91 1.79 -4.08
N ASP B 243 -4.01 2.49 -4.21
CA ASP B 243 -4.57 2.73 -5.49
C ASP B 243 -3.55 3.48 -6.38
N LEU B 244 -2.81 4.43 -5.80
CA LEU B 244 -1.87 5.27 -6.63
C LEU B 244 -0.68 4.45 -7.10
N ARG B 245 -0.06 3.71 -6.19
CA ARG B 245 1.06 2.86 -6.61
C ARG B 245 0.67 1.88 -7.70
N GLN B 246 -0.59 1.45 -7.68
CA GLN B 246 -1.11 0.51 -8.62
C GLN B 246 -1.38 1.12 -9.93
N ILE B 247 -1.90 2.35 -9.99
CA ILE B 247 -1.94 3.06 -11.28
C ILE B 247 -0.55 3.10 -11.88
N VAL B 248 0.47 3.40 -11.06
CA VAL B 248 1.83 3.64 -11.62
C VAL B 248 2.40 2.33 -12.19
N THR B 249 2.25 1.27 -11.42
CA THR B 249 2.53 -0.10 -11.96
C THR B 249 1.84 -0.44 -13.27
N GLU B 250 0.57 -0.10 -13.36
CA GLU B 250 -0.19 -0.37 -14.55
C GLU B 250 0.26 0.49 -15.71
N HIS B 251 0.61 1.76 -15.44
CA HIS B 251 1.21 2.60 -16.48
C HIS B 251 2.50 2.02 -17.07
N VAL B 252 3.37 1.47 -16.21
CA VAL B 252 4.60 0.79 -16.68
C VAL B 252 4.29 -0.43 -17.55
N GLN B 253 3.34 -1.26 -17.12
CA GLN B 253 2.89 -2.43 -17.90
C GLN B 253 2.26 -1.99 -19.23
N LEU B 254 1.62 -0.82 -19.27
CA LEU B 254 1.09 -0.29 -20.52
C LEU B 254 2.16 0.14 -21.53
N LEU B 255 3.18 0.88 -21.07
CA LEU B 255 4.33 1.21 -21.91
C LEU B 255 4.95 -0.02 -22.62
N GLN B 256 5.07 -1.12 -21.91
CA GLN B 256 5.61 -2.37 -22.48
C GLN B 256 4.75 -2.88 -23.65
N VAL B 257 3.43 -2.93 -23.45
CA VAL B 257 2.49 -3.28 -24.52
C VAL B 257 2.67 -2.33 -25.71
N ILE B 258 2.71 -1.02 -25.45
CA ILE B 258 2.99 0.02 -26.46
C ILE B 258 4.26 -0.26 -27.26
N LYS B 259 5.41 -0.43 -26.57
CA LYS B 259 6.68 -0.74 -27.28
C LYS B 259 6.65 -1.96 -28.24
N LYS B 260 5.74 -2.93 -28.03
CA LYS B 260 5.64 -4.10 -28.93
C LYS B 260 5.27 -3.67 -30.36
N THR B 261 4.47 -2.62 -30.47
CA THR B 261 3.92 -2.26 -31.75
C THR B 261 4.11 -0.82 -32.17
N GLU B 262 4.37 0.09 -31.24
CA GLU B 262 4.38 1.54 -31.59
C GLU B 262 5.83 2.01 -31.68
N THR B 263 6.24 2.34 -32.91
CA THR B 263 7.60 2.76 -33.25
C THR B 263 7.62 4.30 -33.46
N ASP B 264 7.11 5.03 -32.47
CA ASP B 264 6.80 6.46 -32.59
C ASP B 264 7.30 7.24 -31.37
N MET C 6 -9.23 -21.71 -5.16
CA MET C 6 -9.91 -23.00 -5.52
C MET C 6 -9.86 -24.02 -4.36
N GLY C 7 -8.69 -24.64 -4.17
CA GLY C 7 -8.36 -25.34 -2.94
C GLY C 7 -8.31 -24.32 -1.81
N LEU C 8 -7.71 -23.14 -2.07
CA LEU C 8 -7.60 -22.08 -1.04
C LEU C 8 -8.99 -21.81 -0.53
N GLU C 9 -9.90 -21.61 -1.49
CA GLU C 9 -11.28 -21.33 -1.17
C GLU C 9 -11.99 -22.48 -0.41
N ALA C 10 -11.77 -23.73 -0.82
CA ALA C 10 -12.35 -24.88 -0.08
C ALA C 10 -11.79 -24.97 1.35
N ILE C 11 -10.48 -24.78 1.49
CA ILE C 11 -9.85 -24.70 2.84
C ILE C 11 -10.63 -23.70 3.70
N ILE C 12 -10.77 -22.46 3.19
CA ILE C 12 -11.46 -21.42 3.94
C ILE C 12 -12.92 -21.74 4.26
N ARG C 13 -13.68 -22.19 3.27
CA ARG C 13 -15.11 -22.52 3.52
C ARG C 13 -15.30 -23.56 4.64
N LYS C 14 -14.50 -24.62 4.59
CA LYS C 14 -14.53 -25.65 5.64
C LYS C 14 -14.18 -25.04 6.99
N ALA C 15 -13.09 -24.28 7.03
CA ALA C 15 -12.68 -23.65 8.30
C ALA C 15 -13.81 -22.78 8.86
N LEU C 16 -14.47 -22.00 7.99
CA LEU C 16 -15.56 -21.12 8.48
C LEU C 16 -16.79 -21.90 8.98
N MET C 17 -17.01 -23.07 8.37
CA MET C 17 -18.05 -24.02 8.80
C MET C 17 -17.59 -24.78 10.04
N GLY D 7 17.20 11.28 -17.68
CA GLY D 7 16.22 12.09 -18.51
C GLY D 7 15.16 12.76 -17.65
N LEU D 8 14.37 11.93 -16.96
CA LEU D 8 13.50 12.45 -15.86
C LEU D 8 14.41 13.11 -14.80
N GLU D 9 15.45 12.38 -14.40
CA GLU D 9 16.41 12.93 -13.47
C GLU D 9 17.03 14.28 -13.90
N ALA D 10 17.34 14.48 -15.19
CA ALA D 10 17.89 15.76 -15.63
C ALA D 10 16.88 16.93 -15.57
N ILE D 11 15.65 16.63 -15.96
CA ILE D 11 14.58 17.61 -15.89
C ILE D 11 14.45 18.04 -14.44
N ILE D 12 14.51 17.09 -13.51
CA ILE D 12 14.42 17.40 -12.05
C ILE D 12 15.57 18.24 -11.55
N ARG D 13 16.81 17.85 -11.87
CA ARG D 13 17.98 18.67 -11.44
C ARG D 13 17.97 20.13 -11.96
N LYS D 14 17.56 20.28 -13.21
CA LYS D 14 17.45 21.59 -13.84
C LYS D 14 16.42 22.44 -13.11
N ALA D 15 15.23 21.85 -12.82
CA ALA D 15 14.21 22.57 -11.99
C ALA D 15 14.65 22.87 -10.56
N LEU D 16 15.33 21.94 -9.90
CA LEU D 16 15.88 22.22 -8.59
C LEU D 16 16.89 23.38 -8.56
N MET D 17 17.76 23.41 -9.56
CA MET D 17 18.68 24.57 -9.83
C MET D 17 17.97 25.91 -10.05
N GLY D 18 16.86 25.90 -10.78
CA GLY D 18 15.95 27.06 -10.89
C GLY D 18 16.07 27.80 -12.22
#